data_3OYK
#
_entry.id   3OYK
#
_cell.length_a   159.790
_cell.length_b   159.790
_cell.length_c   123.870
_cell.angle_alpha   90.000
_cell.angle_beta   90.000
_cell.angle_gamma   90.000
#
_symmetry.space_group_name_H-M   'P 41 21 2'
#
loop_
_entity.id
_entity.type
_entity.pdbx_description
1 polymer 'PFV integrase'
2 polymer "DNA (5'-D(*AP*TP*TP*GP*TP*CP*AP*TP*GP*GP*AP*AP*TP*TP*TP*CP*GP*CP*A)-3')"
3 polymer "DNA (5'-D(*TP*GP*CP*GP*AP*AP*AP*TP*TP*CP*CP*AP*TP*GP*AP*CP*A)-3')"
4 non-polymer 'ZINC ION'
5 non-polymer 'MANGANESE (II) ION'
6 non-polymer 'SULFATE ION'
7 non-polymer GLYCEROL
8 non-polymer 'AMMONIUM ION'
9 water water
#
loop_
_entity_poly.entity_id
_entity_poly.type
_entity_poly.pdbx_seq_one_letter_code
_entity_poly.pdbx_strand_id
1 'polypeptide(L)'
;GPGCNTKKPNLDAELDQLLQGHYIKGYPKQYTYFLEDGKVKVSRPEGVKIIPPQSDRQKIVLQAHNLAHTGREATLLKIA
NLYWWPNMRKDVVKQLGRCQQCLITNASNKASGPILRPDRPQKPFDKFFIDYIGPLPPSQGYLYVLVVVDGMTGFTWLYP
TKAPSTSATVKSLNVLTSIAIPKVIHSDQGAAFTSSTFAEWAKERGIHLEFSTPYHPQSHGKVERKNSDIKRLLTKLLVG
RPTKWYDLLPVVQLALNNTYSPVLKYTPHQLLFGIDSNTPFANQDTLDLTREEELSLLQEIRTSLYHPSTPPASSRSWSP
VVGQLVQERVARPASLRPRWHKPSTVLKVLNPRTVVILDHLGNNRTVSIDNLKPTSHQNGTTNDTATMDHLEKNE
;
A,B
2 'polydeoxyribonucleotide' (DA)(DT)(DT)(DG)(DT)(DC)(DA)(DT)(DG)(DG)(DA)(DA)(DT)(DT)(DT)(DC)(DG)(DC)(DA) C
3 'polydeoxyribonucleotide' (DT)(DG)(DC)(DG)(DA)(DA)(DA)(DT)(DT)(DC)(DC)(DA)(DT)(DG)(DA)(DC)(DA) D
#
loop_
_chem_comp.id
_chem_comp.type
_chem_comp.name
_chem_comp.formula
DA DNA linking 2'-DEOXYADENOSINE-5'-MONOPHOSPHATE 'C10 H14 N5 O6 P'
DC DNA linking 2'-DEOXYCYTIDINE-5'-MONOPHOSPHATE 'C9 H14 N3 O7 P'
DG DNA linking 2'-DEOXYGUANOSINE-5'-MONOPHOSPHATE 'C10 H14 N5 O7 P'
DT DNA linking THYMIDINE-5'-MONOPHOSPHATE 'C10 H15 N2 O8 P'
GOL non-polymer GLYCEROL 'C3 H8 O3'
MN non-polymer 'MANGANESE (II) ION' 'Mn 2'
NH4 non-polymer 'AMMONIUM ION' 'H4 N 1'
SO4 non-polymer 'SULFATE ION' 'O4 S -2'
ZN non-polymer 'ZINC ION' 'Zn 2'
#
# COMPACT_ATOMS: atom_id res chain seq x y z
N LEU A 11 16.49 -58.38 11.73
CA LEU A 11 16.74 -59.07 10.44
C LEU A 11 16.62 -60.60 10.60
N ASP A 12 17.73 -61.33 10.38
CA ASP A 12 17.78 -62.80 10.54
C ASP A 12 17.62 -63.26 12.00
N ALA A 13 17.94 -62.37 12.94
CA ALA A 13 17.72 -62.61 14.36
C ALA A 13 16.22 -62.74 14.69
N GLU A 14 15.48 -61.64 14.48
CA GLU A 14 14.03 -61.59 14.75
C GLU A 14 13.24 -62.68 14.03
N LEU A 15 13.54 -62.87 12.74
CA LEU A 15 12.83 -63.82 11.89
C LEU A 15 13.09 -65.30 12.25
N ASP A 16 14.14 -65.55 13.03
CA ASP A 16 14.48 -66.92 13.40
C ASP A 16 13.47 -67.44 14.41
N GLN A 17 13.40 -66.79 15.58
CA GLN A 17 12.47 -67.18 16.66
C GLN A 17 11.06 -67.36 16.14
N LEU A 18 10.76 -66.67 15.05
CA LEU A 18 9.43 -66.66 14.50
C LEU A 18 9.14 -67.98 13.80
N LEU A 19 10.11 -68.46 13.03
CA LEU A 19 9.90 -69.68 12.25
C LEU A 19 9.60 -70.91 13.12
N GLN A 20 10.22 -70.97 14.30
CA GLN A 20 9.99 -72.09 15.23
C GLN A 20 8.60 -72.01 15.90
N GLY A 21 8.06 -70.79 16.00
CA GLY A 21 6.70 -70.58 16.50
C GLY A 21 6.58 -69.87 17.83
N HIS A 22 7.66 -69.22 18.27
CA HIS A 22 7.62 -68.37 19.47
C HIS A 22 7.06 -66.96 19.13
N TYR A 23 6.76 -66.16 20.15
CA TYR A 23 6.12 -64.86 19.94
C TYR A 23 7.09 -63.68 19.91
N ILE A 24 7.00 -62.86 18.85
CA ILE A 24 7.71 -61.57 18.77
C ILE A 24 6.70 -60.41 18.72
N LYS A 25 6.99 -59.33 19.44
CA LYS A 25 6.11 -58.16 19.45
C LYS A 25 5.92 -57.62 18.03
N GLY A 26 4.66 -57.50 17.62
CA GLY A 26 4.33 -56.97 16.31
C GLY A 26 3.79 -58.01 15.34
N TYR A 27 4.29 -59.23 15.42
CA TYR A 27 3.84 -60.31 14.55
C TYR A 27 2.76 -61.08 15.29
N PRO A 28 1.49 -60.96 14.84
CA PRO A 28 0.38 -61.63 15.52
C PRO A 28 0.57 -63.14 15.58
N LYS A 29 0.38 -63.74 16.76
CA LYS A 29 0.70 -65.16 16.98
C LYS A 29 -0.25 -66.14 16.25
N GLN A 30 -1.45 -65.66 15.90
CA GLN A 30 -2.49 -66.49 15.29
C GLN A 30 -2.32 -66.82 13.79
N TYR A 31 -1.34 -66.25 13.10
CA TYR A 31 -1.09 -66.60 11.70
C TYR A 31 0.09 -67.53 11.62
N THR A 32 0.13 -68.39 10.62
CA THR A 32 1.27 -69.30 10.51
C THR A 32 2.36 -68.78 9.57
N TYR A 33 3.57 -68.71 10.11
CA TYR A 33 4.77 -68.23 9.41
C TYR A 33 5.70 -69.38 8.99
N PHE A 34 6.15 -69.40 7.74
CA PHE A 34 6.97 -70.52 7.24
C PHE A 34 8.10 -70.14 6.27
N LEU A 35 9.04 -71.07 6.05
CA LEU A 35 10.08 -70.91 5.00
C LEU A 35 9.64 -71.61 3.71
N GLU A 36 10.06 -71.04 2.58
CA GLU A 36 9.73 -71.53 1.24
C GLU A 36 10.52 -70.67 0.25
N ASP A 37 11.09 -71.31 -0.77
CA ASP A 37 11.87 -70.61 -1.82
C ASP A 37 13.04 -69.78 -1.27
N GLY A 38 13.37 -69.97 0.00
CA GLY A 38 14.50 -69.27 0.64
C GLY A 38 14.11 -68.01 1.40
N LYS A 39 12.81 -67.84 1.63
CA LYS A 39 12.29 -66.61 2.24
C LYS A 39 11.23 -66.90 3.31
N VAL A 40 11.14 -66.02 4.31
CA VAL A 40 10.10 -66.14 5.34
C VAL A 40 8.77 -65.64 4.80
N LYS A 41 7.72 -66.46 4.89
CA LYS A 41 6.41 -66.10 4.37
C LYS A 41 5.38 -66.12 5.47
N VAL A 42 4.14 -65.80 5.12
CA VAL A 42 3.03 -65.72 6.09
C VAL A 42 1.69 -65.67 5.35
N SER A 43 0.72 -66.40 5.89
CA SER A 43 -0.55 -66.60 5.20
C SER A 43 -1.61 -65.66 5.76
N ARG A 44 -1.78 -64.53 5.09
CA ARG A 44 -2.70 -63.50 5.56
C ARG A 44 -4.00 -63.54 4.78
N PRO A 45 -5.08 -63.01 5.37
CA PRO A 45 -6.37 -63.10 4.69
C PRO A 45 -6.27 -62.77 3.20
N GLU A 46 -5.60 -61.65 2.87
CA GLU A 46 -5.46 -61.20 1.47
C GLU A 46 -4.69 -62.19 0.60
N GLY A 47 -3.73 -62.90 1.19
CA GLY A 47 -2.92 -63.88 0.47
C GLY A 47 -1.59 -64.12 1.19
N VAL A 48 -0.69 -64.81 0.50
CA VAL A 48 0.62 -65.14 1.04
C VAL A 48 1.60 -64.03 0.69
N LYS A 49 2.21 -63.42 1.71
CA LYS A 49 3.17 -62.34 1.48
C LYS A 49 4.53 -62.69 2.05
N ILE A 50 5.58 -62.20 1.42
CA ILE A 50 6.93 -62.36 1.92
C ILE A 50 7.19 -61.35 3.04
N ILE A 51 7.75 -61.81 4.16
CA ILE A 51 8.16 -60.93 5.22
C ILE A 51 9.65 -60.70 5.07
N PRO A 52 10.05 -59.51 4.61
CA PRO A 52 11.48 -59.23 4.52
C PRO A 52 12.12 -58.97 5.89
N PRO A 53 13.40 -59.30 6.02
CA PRO A 53 14.18 -58.95 7.20
C PRO A 53 14.20 -57.44 7.39
N GLN A 54 14.10 -57.02 8.64
CA GLN A 54 14.16 -55.61 9.01
C GLN A 54 15.24 -54.86 8.21
N SER A 55 16.37 -55.52 7.97
CA SER A 55 17.49 -54.92 7.24
C SER A 55 17.23 -54.65 5.76
N ASP A 56 16.17 -55.24 5.22
CA ASP A 56 15.83 -55.09 3.80
C ASP A 56 14.74 -54.06 3.53
N ARG A 57 14.01 -53.72 4.59
CA ARG A 57 12.78 -52.95 4.51
C ARG A 57 12.92 -51.52 3.99
N GLN A 58 13.90 -50.78 4.47
CA GLN A 58 14.10 -49.43 3.96
C GLN A 58 14.23 -49.43 2.43
N LYS A 59 15.07 -50.33 1.91
CA LYS A 59 15.33 -50.44 0.47
C LYS A 59 14.05 -50.74 -0.31
N ILE A 60 13.16 -51.50 0.31
CA ILE A 60 11.95 -51.91 -0.35
C ILE A 60 11.01 -50.72 -0.48
N VAL A 61 10.71 -50.10 0.65
CA VAL A 61 9.90 -48.88 0.72
C VAL A 61 10.41 -47.87 -0.30
N LEU A 62 11.71 -47.71 -0.35
CA LEU A 62 12.32 -46.80 -1.28
C LEU A 62 12.08 -47.14 -2.76
N GLN A 63 12.25 -48.41 -3.13
CA GLN A 63 12.02 -48.85 -4.52
C GLN A 63 10.58 -48.65 -4.90
N ALA A 64 9.69 -48.98 -3.98
CA ALA A 64 8.28 -48.77 -4.18
C ALA A 64 7.99 -47.29 -4.40
N HIS A 65 8.40 -46.44 -3.45
CA HIS A 65 8.12 -45.01 -3.54
C HIS A 65 8.70 -44.40 -4.81
N ASN A 66 9.91 -44.80 -5.17
CA ASN A 66 10.55 -44.20 -6.35
C ASN A 66 9.94 -44.49 -7.70
N LEU A 67 9.04 -45.46 -7.80
CA LEU A 67 8.49 -45.81 -9.12
C LEU A 67 7.80 -44.61 -9.73
N ALA A 68 6.93 -43.96 -8.96
CA ALA A 68 6.29 -42.72 -9.40
C ALA A 68 6.31 -41.61 -8.32
N HIS A 69 7.19 -41.76 -7.33
CA HIS A 69 7.26 -40.83 -6.20
C HIS A 69 5.88 -40.60 -5.56
N THR A 70 5.22 -41.71 -5.24
CA THR A 70 3.86 -41.72 -4.73
C THR A 70 3.81 -41.48 -3.23
N GLY A 71 2.69 -40.93 -2.76
CA GLY A 71 2.46 -40.70 -1.33
C GLY A 71 2.10 -41.96 -0.54
N ARG A 72 1.56 -41.77 0.66
CA ARG A 72 1.37 -42.87 1.61
C ARG A 72 0.68 -44.15 1.08
N GLU A 73 -0.61 -44.06 0.77
CA GLU A 73 -1.40 -45.19 0.29
C GLU A 73 -0.92 -45.79 -1.04
N ALA A 74 -0.67 -44.92 -2.02
CA ALA A 74 -0.27 -45.42 -3.32
C ALA A 74 1.08 -46.12 -3.23
N THR A 75 1.92 -45.68 -2.30
CA THR A 75 3.18 -46.37 -2.06
C THR A 75 2.90 -47.70 -1.36
N LEU A 76 2.12 -47.65 -0.28
CA LEU A 76 1.83 -48.86 0.45
C LEU A 76 1.22 -49.99 -0.41
N LEU A 77 0.25 -49.64 -1.26
CA LEU A 77 -0.40 -50.61 -2.12
C LEU A 77 0.60 -51.33 -3.05
N LYS A 78 1.70 -50.67 -3.40
CA LYS A 78 2.69 -51.36 -4.22
C LYS A 78 3.36 -52.41 -3.37
N ILE A 79 3.81 -52.00 -2.20
CA ILE A 79 4.51 -52.91 -1.29
C ILE A 79 3.64 -54.11 -0.92
N ALA A 80 2.42 -53.84 -0.47
CA ALA A 80 1.51 -54.89 0.03
C ALA A 80 1.25 -55.96 -1.03
N ASN A 81 1.52 -55.65 -2.29
CA ASN A 81 1.43 -56.66 -3.33
C ASN A 81 2.33 -57.89 -3.11
N LEU A 82 3.53 -57.65 -2.59
CA LEU A 82 4.49 -58.71 -2.33
C LEU A 82 4.78 -58.95 -0.85
N TYR A 83 4.59 -57.93 -0.03
CA TYR A 83 5.09 -58.00 1.34
C TYR A 83 4.09 -57.80 2.44
N TRP A 84 4.50 -58.25 3.61
CA TRP A 84 3.87 -57.87 4.85
C TRP A 84 4.95 -57.77 5.91
N TRP A 85 4.82 -56.76 6.76
CA TRP A 85 5.58 -56.68 8.00
C TRP A 85 4.83 -55.79 8.99
N PRO A 86 5.26 -55.74 10.27
CA PRO A 86 4.47 -54.93 11.20
C PRO A 86 4.63 -53.47 10.91
N ASN A 87 3.51 -52.74 10.94
CA ASN A 87 3.51 -51.28 10.88
C ASN A 87 4.20 -50.75 9.63
N MET A 88 3.82 -51.30 8.48
CA MET A 88 4.39 -50.92 7.21
C MET A 88 4.31 -49.41 6.92
N ARG A 89 3.17 -48.80 7.22
CA ARG A 89 3.01 -47.41 6.88
C ARG A 89 3.99 -46.54 7.63
N LYS A 90 4.30 -46.91 8.86
CA LYS A 90 5.28 -46.14 9.62
C LYS A 90 6.58 -46.02 8.86
N ASP A 91 6.96 -47.09 8.17
CA ASP A 91 8.19 -47.09 7.40
C ASP A 91 8.01 -46.29 6.12
N VAL A 92 6.81 -46.35 5.54
CA VAL A 92 6.51 -45.62 4.32
C VAL A 92 6.60 -44.13 4.63
N VAL A 93 5.95 -43.72 5.70
CA VAL A 93 5.96 -42.34 6.10
C VAL A 93 7.37 -41.86 6.41
N LYS A 94 8.22 -42.72 6.96
CA LYS A 94 9.58 -42.34 7.25
C LYS A 94 10.30 -41.88 5.98
N GLN A 95 10.13 -42.62 4.89
CA GLN A 95 10.78 -42.29 3.62
C GLN A 95 10.24 -41.05 2.94
N LEU A 96 8.90 -40.93 2.88
CA LEU A 96 8.23 -39.75 2.34
C LEU A 96 8.79 -38.50 2.99
N GLY A 97 8.94 -38.54 4.31
CA GLY A 97 9.54 -37.46 5.06
C GLY A 97 10.99 -37.13 4.69
N ARG A 98 11.69 -38.09 4.07
CA ARG A 98 13.10 -37.88 3.68
C ARG A 98 13.31 -37.77 2.17
N CYS A 99 12.25 -37.83 1.38
CA CYS A 99 12.37 -37.63 -0.06
C CYS A 99 12.43 -36.14 -0.44
N GLN A 100 13.65 -35.65 -0.64
CA GLN A 100 13.84 -34.26 -0.97
C GLN A 100 12.89 -33.89 -2.10
N GLN A 101 12.84 -34.73 -3.13
CA GLN A 101 12.09 -34.41 -4.34
C GLN A 101 10.59 -34.29 -4.10
N CYS A 102 10.01 -35.21 -3.30
CA CYS A 102 8.59 -35.09 -2.97
C CYS A 102 8.34 -33.86 -2.13
N LEU A 103 9.22 -33.58 -1.18
CA LEU A 103 9.03 -32.48 -0.25
C LEU A 103 8.99 -31.13 -0.97
N ILE A 104 9.79 -30.94 -2.00
CA ILE A 104 9.83 -29.63 -2.64
C ILE A 104 8.93 -29.52 -3.87
N THR A 105 8.33 -30.61 -4.29
CA THR A 105 7.51 -30.61 -5.50
C THR A 105 6.02 -30.71 -5.21
N ASN A 106 5.62 -31.58 -4.29
CA ASN A 106 4.22 -31.70 -3.96
C ASN A 106 3.54 -30.41 -3.49
N ALA A 107 2.24 -30.31 -3.73
CA ALA A 107 1.44 -29.22 -3.17
C ALA A 107 1.17 -29.49 -1.68
N SER A 108 0.74 -28.46 -0.96
CA SER A 108 0.19 -28.61 0.37
C SER A 108 -1.25 -29.04 0.29
N ASN A 109 -1.76 -29.60 1.36
CA ASN A 109 -3.18 -29.82 1.42
C ASN A 109 -3.74 -29.31 2.75
N LYS A 110 -3.02 -28.37 3.36
CA LYS A 110 -3.56 -27.64 4.51
C LYS A 110 -3.60 -26.16 4.15
N ALA A 111 -4.75 -25.51 4.37
CA ALA A 111 -4.93 -24.09 4.11
C ALA A 111 -4.33 -23.22 5.21
N SER A 112 -3.95 -21.99 4.84
CA SER A 112 -3.60 -20.94 5.80
C SER A 112 -4.66 -20.70 6.87
N GLY A 113 -4.22 -20.21 8.02
CA GLY A 113 -5.15 -19.77 9.06
C GLY A 113 -5.94 -18.57 8.57
N PRO A 114 -7.04 -18.22 9.25
CA PRO A 114 -7.95 -17.14 8.85
C PRO A 114 -7.28 -15.77 8.87
N ILE A 115 -7.58 -14.94 7.87
CA ILE A 115 -6.92 -13.62 7.73
C ILE A 115 -7.09 -12.66 8.92
N LEU A 116 -6.13 -11.76 9.10
CA LEU A 116 -6.26 -10.71 10.13
C LEU A 116 -6.96 -9.53 9.52
N ARG A 117 -7.71 -8.79 10.32
CA ARG A 117 -8.24 -7.54 9.86
C ARG A 117 -7.61 -6.43 10.67
N PRO A 118 -6.40 -5.98 10.32
CA PRO A 118 -5.71 -4.97 11.11
C PRO A 118 -6.58 -3.74 11.35
N ASP A 119 -6.31 -2.98 12.41
CA ASP A 119 -7.11 -1.79 12.70
C ASP A 119 -6.95 -0.72 11.65
N ARG A 120 -8.01 0.05 11.41
CA ARG A 120 -7.94 1.17 10.51
C ARG A 120 -7.02 2.18 11.18
N PRO A 121 -6.09 2.76 10.41
CA PRO A 121 -5.29 3.88 10.92
C PRO A 121 -6.22 4.87 11.57
N GLN A 122 -5.78 5.44 12.68
CA GLN A 122 -6.63 6.32 13.45
C GLN A 122 -6.85 7.69 12.82
N LYS A 123 -5.85 8.20 12.12
CA LYS A 123 -5.94 9.52 11.53
C LYS A 123 -5.57 9.54 10.04
N PRO A 124 -6.13 10.50 9.30
CA PRO A 124 -5.60 10.73 7.98
C PRO A 124 -4.13 11.03 8.11
N PHE A 125 -3.36 10.57 7.14
CA PHE A 125 -1.92 10.75 7.11
C PHE A 125 -1.09 9.88 8.07
N ASP A 126 -1.78 9.05 8.89
CA ASP A 126 -1.07 8.08 9.72
C ASP A 126 -0.35 7.08 8.85
N LYS A 127 -1.06 6.59 7.83
CA LYS A 127 -0.48 5.62 6.91
C LYS A 127 -0.93 5.83 5.46
N PHE A 128 0.03 5.79 4.56
CA PHE A 128 -0.26 5.68 3.13
C PHE A 128 0.08 4.29 2.63
N PHE A 129 -0.79 3.76 1.79
CA PHE A 129 -0.44 2.61 0.95
C PHE A 129 -0.16 3.10 -0.45
N ILE A 130 0.96 2.64 -1.02
CA ILE A 130 1.32 3.04 -2.37
C ILE A 130 1.67 1.86 -3.27
N ASP A 131 1.41 2.02 -4.55
CA ASP A 131 1.60 0.95 -5.50
C ASP A 131 1.54 1.48 -6.93
N TYR A 132 2.07 0.72 -7.87
CA TYR A 132 1.99 1.09 -9.25
C TYR A 132 0.99 0.22 -9.97
N ILE A 133 0.29 0.81 -10.93
CA ILE A 133 -0.56 0.10 -11.87
C ILE A 133 0.15 0.20 -13.21
N GLY A 134 0.19 -0.90 -13.95
CA GLY A 134 0.71 -0.87 -15.30
C GLY A 134 1.65 -2.01 -15.54
N PRO A 135 2.22 -2.07 -16.75
CA PRO A 135 2.05 -1.05 -17.77
C PRO A 135 0.66 -1.04 -18.39
N LEU A 136 0.26 0.12 -18.87
CA LEU A 136 -1.02 0.35 -19.55
C LEU A 136 -0.74 0.73 -21.01
N PRO A 137 -1.77 0.65 -21.88
CA PRO A 137 -1.49 1.13 -23.22
C PRO A 137 -0.91 2.55 -23.16
N PRO A 138 0.12 2.86 -23.97
CA PRO A 138 0.69 4.21 -23.96
C PRO A 138 -0.37 5.29 -24.07
N SER A 139 -0.25 6.28 -23.20
CA SER A 139 -1.06 7.50 -23.28
C SER A 139 -0.13 8.69 -23.04
N GLN A 140 -0.02 9.57 -24.04
CA GLN A 140 0.91 10.70 -24.00
C GLN A 140 2.29 10.27 -23.48
N GLY A 141 2.75 9.11 -23.92
CA GLY A 141 4.05 8.62 -23.49
C GLY A 141 4.10 8.09 -22.07
N TYR A 142 2.94 7.95 -21.43
CA TYR A 142 2.90 7.43 -20.07
C TYR A 142 2.38 5.97 -20.04
N LEU A 143 2.94 5.18 -19.13
CA LEU A 143 2.60 3.78 -19.06
C LEU A 143 2.18 3.31 -17.66
N TYR A 144 2.51 4.06 -16.62
CA TYR A 144 2.12 3.62 -15.27
C TYR A 144 1.33 4.68 -14.49
N VAL A 145 0.61 4.25 -13.45
CA VAL A 145 -0.04 5.16 -12.53
C VAL A 145 0.46 4.87 -11.14
N LEU A 146 0.88 5.91 -10.44
CA LEU A 146 1.20 5.78 -9.03
C LEU A 146 -0.06 6.05 -8.25
N VAL A 147 -0.38 5.11 -7.38
CA VAL A 147 -1.60 5.20 -6.61
C VAL A 147 -1.22 5.29 -5.16
N VAL A 148 -1.65 6.40 -4.54
CA VAL A 148 -1.41 6.63 -3.13
C VAL A 148 -2.74 6.65 -2.42
N VAL A 149 -2.91 5.77 -1.43
CA VAL A 149 -4.19 5.65 -0.74
C VAL A 149 -4.02 5.92 0.75
N ASP A 150 -4.73 6.93 1.26
CA ASP A 150 -4.71 7.17 2.70
C ASP A 150 -5.44 6.07 3.44
N GLY A 151 -4.75 5.47 4.41
CA GLY A 151 -5.29 4.34 5.16
C GLY A 151 -6.59 4.61 5.89
N MET A 152 -6.70 5.77 6.52
CA MET A 152 -7.90 6.07 7.30
C MET A 152 -9.10 6.45 6.42
N THR A 153 -8.85 7.28 5.42
CA THR A 153 -9.93 7.87 4.63
C THR A 153 -10.24 7.11 3.34
N GLY A 154 -9.24 6.46 2.77
CA GLY A 154 -9.40 5.89 1.47
C GLY A 154 -9.12 6.94 0.44
N PHE A 155 -8.94 8.19 0.86
CA PHE A 155 -8.72 9.27 -0.09
C PHE A 155 -7.46 8.93 -0.89
N THR A 156 -7.54 9.06 -2.21
CA THR A 156 -6.55 8.48 -3.13
C THR A 156 -6.01 9.54 -4.06
N TRP A 157 -4.70 9.51 -4.26
CA TRP A 157 -4.05 10.39 -5.22
C TRP A 157 -3.51 9.57 -6.37
N LEU A 158 -3.69 10.05 -7.60
CA LEU A 158 -3.19 9.38 -8.82
C LEU A 158 -2.15 10.22 -9.57
N TYR A 159 -1.03 9.62 -9.94
CA TYR A 159 0.00 10.30 -10.72
C TYR A 159 0.42 9.42 -11.88
N PRO A 160 0.33 9.93 -13.13
CA PRO A 160 0.82 9.10 -14.25
C PRO A 160 2.35 9.09 -14.29
N THR A 161 2.96 7.95 -14.57
CA THR A 161 4.41 7.97 -14.76
C THR A 161 4.84 7.21 -15.99
N LYS A 162 6.14 7.34 -16.32
CA LYS A 162 6.72 6.68 -17.49
C LYS A 162 7.28 5.31 -17.13
N ALA A 163 7.54 5.11 -15.84
CA ALA A 163 8.13 3.87 -15.32
C ALA A 163 7.78 3.71 -13.83
N PRO A 164 7.84 2.47 -13.31
CA PRO A 164 7.62 2.38 -11.88
C PRO A 164 8.93 2.59 -11.14
N SER A 165 9.56 3.73 -11.38
CA SER A 165 10.88 4.07 -10.84
C SER A 165 10.83 4.84 -9.54
N THR A 166 11.94 4.77 -8.82
CA THR A 166 12.14 5.56 -7.61
C THR A 166 12.02 7.03 -7.96
N SER A 167 12.67 7.46 -9.03
CA SER A 167 12.72 8.87 -9.32
C SER A 167 11.32 9.44 -9.56
N ALA A 168 10.50 8.70 -10.29
CA ALA A 168 9.14 9.16 -10.59
C ALA A 168 8.27 9.10 -9.34
N THR A 169 8.64 8.19 -8.44
CA THR A 169 7.96 8.08 -7.17
C THR A 169 8.24 9.33 -6.34
N VAL A 170 9.50 9.69 -6.27
CA VAL A 170 9.90 10.87 -5.48
C VAL A 170 9.24 12.15 -6.05
N LYS A 171 9.31 12.35 -7.37
CA LYS A 171 8.70 13.52 -7.99
C LYS A 171 7.22 13.67 -7.61
N SER A 172 6.48 12.57 -7.66
CA SER A 172 5.06 12.55 -7.33
C SER A 172 4.82 12.80 -5.85
N LEU A 173 5.59 12.13 -4.99
CA LEU A 173 5.39 12.29 -3.56
C LEU A 173 5.81 13.67 -3.03
N ASN A 174 6.78 14.30 -3.67
CA ASN A 174 7.04 15.69 -3.37
C ASN A 174 5.82 16.54 -3.63
N VAL A 175 5.13 16.32 -4.76
CA VAL A 175 3.94 17.11 -5.05
C VAL A 175 2.86 16.84 -3.99
N LEU A 176 2.73 15.60 -3.57
CA LEU A 176 1.63 15.24 -2.71
C LEU A 176 1.91 15.70 -1.31
N THR A 177 3.16 15.55 -0.86
CA THR A 177 3.51 15.86 0.53
C THR A 177 3.60 17.36 0.75
N SER A 178 3.44 18.15 -0.31
CA SER A 178 3.15 19.57 -0.17
C SER A 178 1.97 19.81 0.74
N ILE A 179 1.03 18.85 0.78
CA ILE A 179 -0.24 19.05 1.46
C ILE A 179 -0.07 18.69 2.92
N ALA A 180 0.53 17.53 3.14
CA ALA A 180 0.76 16.97 4.47
C ALA A 180 1.78 15.88 4.30
N ILE A 181 2.46 15.55 5.39
CA ILE A 181 3.46 14.52 5.42
C ILE A 181 2.87 13.38 6.24
N PRO A 182 2.97 12.13 5.75
CA PRO A 182 2.42 10.99 6.48
C PRO A 182 3.37 10.42 7.53
N LYS A 183 2.87 9.76 8.58
CA LYS A 183 3.79 9.11 9.52
C LYS A 183 4.52 7.95 8.85
N VAL A 184 3.75 7.13 8.13
CA VAL A 184 4.23 5.87 7.55
C VAL A 184 3.77 5.76 6.09
N ILE A 185 4.58 5.10 5.27
CA ILE A 185 4.23 4.77 3.88
C ILE A 185 4.50 3.28 3.66
N HIS A 186 3.46 2.54 3.31
CA HIS A 186 3.54 1.09 3.21
C HIS A 186 3.52 0.71 1.75
N SER A 187 4.37 -0.23 1.37
CA SER A 187 4.42 -0.62 -0.03
C SER A 187 4.89 -2.07 -0.12
N ASP A 188 4.89 -2.62 -1.34
CA ASP A 188 5.54 -3.92 -1.58
C ASP A 188 7.06 -3.76 -1.68
N GLN A 189 7.76 -4.88 -1.87
CA GLN A 189 9.23 -4.88 -1.96
C GLN A 189 9.75 -4.69 -3.40
N GLY A 190 9.01 -3.93 -4.19
CA GLY A 190 9.48 -3.55 -5.51
C GLY A 190 10.75 -2.72 -5.51
N ALA A 191 11.57 -2.92 -6.55
CA ALA A 191 12.76 -2.13 -6.81
C ALA A 191 12.58 -0.63 -6.49
N ALA A 192 11.45 -0.05 -6.86
CA ALA A 192 11.26 1.39 -6.69
C ALA A 192 11.14 1.87 -5.23
N PHE A 193 10.70 1.00 -4.33
CA PHE A 193 10.47 1.44 -2.97
C PHE A 193 11.53 0.96 -2.00
N THR A 194 12.42 0.07 -2.47
CA THR A 194 13.41 -0.55 -1.61
C THR A 194 14.78 0.05 -1.88
N SER A 195 14.89 0.82 -2.95
CA SER A 195 16.15 1.51 -3.27
C SER A 195 16.57 2.45 -2.14
N SER A 196 17.88 2.59 -1.97
CA SER A 196 18.41 3.43 -0.93
C SER A 196 18.01 4.90 -1.15
N THR A 197 17.92 5.30 -2.42
CA THR A 197 17.51 6.66 -2.76
C THR A 197 16.16 6.97 -2.16
N PHE A 198 15.25 6.01 -2.22
CA PHE A 198 13.92 6.20 -1.66
C PHE A 198 13.99 6.21 -0.11
N ALA A 199 14.84 5.34 0.45
CA ALA A 199 15.00 5.27 1.90
C ALA A 199 15.42 6.63 2.46
N GLU A 200 16.36 7.28 1.76
CA GLU A 200 16.94 8.56 2.17
C GLU A 200 15.89 9.62 2.08
N TRP A 201 15.18 9.62 0.96
CA TRP A 201 14.10 10.57 0.74
C TRP A 201 13.08 10.50 1.90
N ALA A 202 12.81 9.30 2.42
CA ALA A 202 11.85 9.16 3.51
C ALA A 202 12.38 9.64 4.88
N LYS A 203 13.63 9.28 5.17
CA LYS A 203 14.26 9.61 6.45
C LYS A 203 14.40 11.13 6.52
N GLU A 204 14.88 11.70 5.42
CA GLU A 204 14.92 13.13 5.18
C GLU A 204 13.65 13.83 5.66
N ARG A 205 12.51 13.11 5.73
CA ARG A 205 11.23 13.76 6.01
C ARG A 205 10.52 13.25 7.25
N GLY A 206 11.13 12.30 7.94
CA GLY A 206 10.54 11.76 9.16
C GLY A 206 9.49 10.70 8.88
N ILE A 207 9.43 10.25 7.64
CA ILE A 207 8.52 9.18 7.21
C ILE A 207 9.12 7.79 7.46
N HIS A 208 8.39 6.93 8.16
CA HIS A 208 8.82 5.54 8.31
C HIS A 208 8.36 4.66 7.12
N LEU A 209 9.29 3.92 6.52
CA LEU A 209 8.94 2.95 5.47
C LEU A 209 8.51 1.58 6.04
N GLU A 210 7.33 1.16 5.62
CA GLU A 210 6.80 -0.15 5.98
C GLU A 210 6.72 -0.98 4.71
N PHE A 211 7.20 -2.21 4.79
CA PHE A 211 7.11 -3.11 3.64
C PHE A 211 6.19 -4.31 3.87
N SER A 212 5.50 -4.71 2.81
CA SER A 212 4.71 -5.92 2.81
C SER A 212 5.67 -7.07 2.79
N THR A 213 5.29 -8.22 3.37
CA THR A 213 6.09 -9.44 3.19
C THR A 213 6.16 -9.71 1.69
N PRO A 214 7.16 -10.49 1.25
CA PRO A 214 7.34 -10.59 -0.19
C PRO A 214 6.24 -11.43 -0.87
N TYR A 215 5.91 -11.04 -2.10
CA TYR A 215 4.84 -11.65 -2.90
C TYR A 215 3.56 -11.96 -2.10
N HIS A 216 2.98 -10.92 -1.49
CA HIS A 216 1.75 -11.05 -0.74
C HIS A 216 0.96 -9.75 -0.76
N PRO A 217 0.36 -9.42 -1.91
CA PRO A 217 -0.24 -8.10 -2.04
C PRO A 217 -1.45 -7.90 -1.15
N GLN A 218 -2.08 -8.99 -0.71
CA GLN A 218 -3.11 -8.93 0.34
C GLN A 218 -2.66 -7.97 1.43
N SER A 219 -1.35 -7.97 1.69
CA SER A 219 -0.76 -7.18 2.76
C SER A 219 -0.99 -5.69 2.56
N HIS A 220 -0.81 -5.19 1.33
CA HIS A 220 -1.29 -3.84 0.98
C HIS A 220 -2.65 -3.88 0.23
N GLY A 221 -3.56 -4.71 0.73
CA GLY A 221 -4.88 -4.87 0.13
C GLY A 221 -5.69 -3.59 -0.12
N LYS A 222 -5.48 -2.57 0.71
CA LYS A 222 -6.21 -1.31 0.53
C LYS A 222 -5.95 -0.73 -0.83
N VAL A 223 -4.67 -0.65 -1.22
CA VAL A 223 -4.36 -0.01 -2.49
C VAL A 223 -4.67 -0.97 -3.65
N GLU A 224 -4.39 -2.26 -3.46
CA GLU A 224 -4.65 -3.25 -4.50
C GLU A 224 -6.11 -3.11 -4.84
N ARG A 225 -6.94 -3.06 -3.80
CA ARG A 225 -8.37 -2.94 -3.99
C ARG A 225 -8.79 -1.66 -4.68
N LYS A 226 -8.06 -0.58 -4.41
CA LYS A 226 -8.39 0.70 -5.00
C LYS A 226 -8.01 0.70 -6.49
N ASN A 227 -6.94 -0.02 -6.82
CA ASN A 227 -6.55 -0.29 -8.22
C ASN A 227 -7.71 -0.86 -9.04
N SER A 228 -8.40 -1.85 -8.47
CA SER A 228 -9.58 -2.40 -9.08
C SER A 228 -10.61 -1.32 -9.43
N ASP A 229 -10.96 -0.43 -8.51
CA ASP A 229 -11.92 0.59 -8.86
C ASP A 229 -11.35 1.53 -9.94
N ILE A 230 -10.07 1.85 -9.82
CA ILE A 230 -9.45 2.77 -10.75
C ILE A 230 -9.54 2.20 -12.17
N LYS A 231 -9.17 0.93 -12.35
CA LYS A 231 -9.24 0.31 -13.68
C LYS A 231 -10.68 0.14 -14.12
N ARG A 232 -11.57 -0.25 -13.21
CA ARG A 232 -12.95 -0.50 -13.57
C ARG A 232 -13.57 0.79 -14.15
N LEU A 233 -13.38 1.91 -13.47
CA LEU A 233 -13.96 3.16 -13.92
C LEU A 233 -13.31 3.70 -15.21
N LEU A 234 -12.00 3.59 -15.31
CA LEU A 234 -11.31 3.93 -16.56
C LEU A 234 -11.89 3.11 -17.72
N THR A 235 -12.12 1.82 -17.48
CA THR A 235 -12.64 0.95 -18.50
C THR A 235 -13.98 1.48 -19.00
N LYS A 236 -14.91 1.69 -18.07
CA LYS A 236 -16.23 2.20 -18.41
C LYS A 236 -16.17 3.53 -19.19
N LEU A 237 -15.26 4.42 -18.80
CA LEU A 237 -15.24 5.73 -19.41
C LEU A 237 -14.60 5.63 -20.77
N LEU A 238 -13.96 4.51 -21.04
CA LEU A 238 -13.20 4.36 -22.27
C LEU A 238 -13.90 3.47 -23.29
N VAL A 239 -15.02 2.87 -22.89
CA VAL A 239 -15.85 2.05 -23.77
C VAL A 239 -16.04 2.68 -25.15
N GLY A 240 -15.79 1.88 -26.18
CA GLY A 240 -15.83 2.34 -27.57
C GLY A 240 -15.07 3.60 -27.91
N ARG A 241 -14.05 3.98 -27.14
CA ARG A 241 -13.12 5.03 -27.59
C ARG A 241 -11.73 4.45 -27.46
N PRO A 242 -10.74 5.05 -28.13
CA PRO A 242 -9.34 4.62 -27.94
C PRO A 242 -8.84 4.88 -26.51
N THR A 243 -8.04 3.96 -25.98
CA THR A 243 -7.67 3.95 -24.57
C THR A 243 -6.74 5.09 -24.12
N LYS A 244 -7.21 6.32 -24.31
CA LYS A 244 -6.51 7.55 -23.90
C LYS A 244 -6.81 7.85 -22.42
N TRP A 245 -6.15 7.13 -21.53
CA TRP A 245 -6.39 7.28 -20.11
C TRP A 245 -5.72 8.49 -19.40
N TYR A 246 -4.63 9.02 -19.94
CA TYR A 246 -3.93 10.11 -19.30
C TYR A 246 -4.84 11.28 -18.89
N ASP A 247 -5.66 11.74 -19.82
CA ASP A 247 -6.54 12.87 -19.54
C ASP A 247 -7.66 12.54 -18.55
N LEU A 248 -7.82 11.27 -18.21
CA LEU A 248 -8.92 10.89 -17.34
C LEU A 248 -8.49 10.66 -15.89
N LEU A 249 -7.20 10.49 -15.64
CA LEU A 249 -6.72 10.35 -14.28
C LEU A 249 -7.35 11.36 -13.32
N PRO A 250 -7.32 12.66 -13.67
CA PRO A 250 -7.87 13.65 -12.75
C PRO A 250 -9.37 13.44 -12.57
N VAL A 251 -10.06 13.12 -13.65
CA VAL A 251 -11.47 12.86 -13.52
C VAL A 251 -11.74 11.64 -12.63
N VAL A 252 -10.99 10.56 -12.84
CA VAL A 252 -11.21 9.36 -12.06
C VAL A 252 -10.93 9.62 -10.57
N GLN A 253 -9.78 10.25 -10.29
CA GLN A 253 -9.37 10.59 -8.91
C GLN A 253 -10.49 11.27 -8.15
N LEU A 254 -10.96 12.38 -8.71
CA LEU A 254 -12.05 13.12 -8.14
C LEU A 254 -13.26 12.22 -7.97
N ALA A 255 -13.62 11.51 -9.04
CA ALA A 255 -14.87 10.72 -9.05
C ALA A 255 -14.88 9.72 -7.91
N LEU A 256 -13.77 9.00 -7.76
CA LEU A 256 -13.63 8.00 -6.69
C LEU A 256 -13.57 8.61 -5.29
N ASN A 257 -12.76 9.65 -5.11
CA ASN A 257 -12.67 10.32 -3.81
C ASN A 257 -14.02 10.81 -3.31
N ASN A 258 -14.96 11.02 -4.22
CA ASN A 258 -16.29 11.49 -3.85
C ASN A 258 -17.44 10.48 -3.99
N THR A 259 -17.10 9.20 -4.06
CA THR A 259 -18.06 8.08 -4.11
C THR A 259 -18.30 7.45 -2.72
N TYR A 260 -19.56 7.15 -2.40
CA TYR A 260 -19.88 6.56 -1.11
C TYR A 260 -19.44 5.08 -1.01
N SER A 261 -18.92 4.69 0.13
CA SER A 261 -18.84 3.29 0.41
C SER A 261 -20.11 2.91 1.12
N PRO A 262 -20.93 2.05 0.48
CA PRO A 262 -22.18 1.68 1.12
C PRO A 262 -22.07 1.23 2.57
N VAL A 263 -21.00 0.55 2.95
CA VAL A 263 -20.92 0.03 4.33
C VAL A 263 -20.61 1.13 5.35
N LEU A 264 -19.83 2.11 4.91
CA LEU A 264 -19.44 3.21 5.79
C LEU A 264 -20.46 4.32 5.78
N LYS A 265 -21.13 4.50 4.64
CA LYS A 265 -22.05 5.65 4.43
C LYS A 265 -21.29 6.97 4.37
N TYR A 266 -20.07 6.93 3.85
CA TYR A 266 -19.28 8.13 3.67
C TYR A 266 -18.41 8.05 2.41
N THR A 267 -18.05 9.21 1.89
CA THR A 267 -17.10 9.25 0.81
C THR A 267 -15.73 9.48 1.41
N PRO A 268 -14.68 9.00 0.75
CA PRO A 268 -13.38 9.28 1.30
C PRO A 268 -13.14 10.78 1.49
N HIS A 269 -13.71 11.58 0.61
CA HIS A 269 -13.57 13.03 0.73
C HIS A 269 -14.13 13.50 2.09
N GLN A 270 -15.34 13.08 2.40
CA GLN A 270 -15.95 13.41 3.68
C GLN A 270 -15.10 12.94 4.85
N LEU A 271 -14.57 11.72 4.76
CA LEU A 271 -13.75 11.24 5.84
C LEU A 271 -12.50 12.09 5.96
N LEU A 272 -12.07 12.70 4.87
CA LEU A 272 -10.86 13.51 4.95
C LEU A 272 -11.11 14.96 5.41
N PHE A 273 -12.25 15.54 5.04
CA PHE A 273 -12.50 16.96 5.24
C PHE A 273 -13.70 17.21 6.13
N GLY A 274 -14.53 16.20 6.35
CA GLY A 274 -15.76 16.39 7.09
C GLY A 274 -16.77 17.33 6.44
N ILE A 275 -16.51 17.71 5.18
CA ILE A 275 -17.49 18.47 4.37
C ILE A 275 -17.27 18.30 2.84
N ASP A 276 -18.33 18.14 2.07
CA ASP A 276 -18.21 18.02 0.61
C ASP A 276 -17.73 19.34 0.00
N SER A 277 -17.03 19.27 -1.12
CA SER A 277 -16.67 20.49 -1.80
C SER A 277 -17.74 20.75 -2.84
N ASN A 278 -17.51 21.70 -3.75
CA ASN A 278 -18.49 22.05 -4.78
C ASN A 278 -18.55 21.01 -5.92
N THR A 279 -19.07 19.83 -5.61
CA THR A 279 -19.13 18.75 -6.58
C THR A 279 -20.57 18.30 -6.60
N PRO A 280 -20.98 17.60 -7.66
CA PRO A 280 -22.40 17.25 -7.79
C PRO A 280 -22.93 16.51 -6.61
N PHE A 281 -24.12 16.89 -6.18
CA PHE A 281 -24.83 16.20 -5.10
C PHE A 281 -24.14 16.34 -3.75
N ALA A 282 -23.54 17.50 -3.50
CA ALA A 282 -22.84 17.71 -2.24
C ALA A 282 -23.81 17.54 -1.08
N ASN A 283 -23.42 16.76 -0.09
CA ASN A 283 -24.20 16.62 1.13
C ASN A 283 -24.23 17.94 1.90
N GLN A 284 -25.38 18.29 2.46
CA GLN A 284 -25.57 19.62 3.07
C GLN A 284 -25.99 19.57 4.55
N ASP A 285 -26.16 18.37 5.06
CA ASP A 285 -26.48 18.11 6.45
C ASP A 285 -25.80 19.00 7.49
N THR A 286 -24.56 19.42 7.29
CA THR A 286 -23.89 20.23 8.32
C THR A 286 -23.86 21.72 7.98
N LEU A 287 -24.87 22.17 7.25
CA LEU A 287 -24.85 23.53 6.77
C LEU A 287 -24.85 24.54 7.93
N ASP A 288 -25.63 24.23 8.98
CA ASP A 288 -25.86 25.14 10.09
C ASP A 288 -24.87 25.03 11.24
N LEU A 289 -23.99 24.03 11.20
CA LEU A 289 -22.98 23.89 12.24
C LEU A 289 -21.82 24.79 11.91
N THR A 290 -21.09 25.22 12.93
CA THR A 290 -19.84 25.97 12.73
C THR A 290 -18.81 24.96 12.25
N ARG A 291 -17.72 25.43 11.66
CA ARG A 291 -16.71 24.51 11.26
C ARG A 291 -16.33 23.67 12.47
N GLU A 292 -16.12 24.35 13.59
CA GLU A 292 -15.66 23.67 14.79
C GLU A 292 -16.65 22.60 15.24
N GLU A 293 -17.94 22.86 15.14
CA GLU A 293 -18.91 21.82 15.47
C GLU A 293 -18.83 20.67 14.48
N GLU A 294 -18.72 21.01 13.20
CA GLU A 294 -18.51 20.04 12.12
C GLU A 294 -17.35 19.09 12.43
N LEU A 295 -16.19 19.65 12.76
CA LEU A 295 -14.97 18.87 13.02
C LEU A 295 -15.10 17.94 14.19
N SER A 296 -15.95 18.33 15.13
CA SER A 296 -16.17 17.58 16.34
C SER A 296 -17.02 16.36 15.98
N LEU A 297 -18.03 16.56 15.13
CA LEU A 297 -18.83 15.48 14.58
C LEU A 297 -18.03 14.58 13.64
N LEU A 298 -17.05 15.15 12.93
CA LEU A 298 -16.13 14.37 12.13
C LEU A 298 -15.31 13.42 12.99
N GLN A 299 -14.67 13.94 14.03
CA GLN A 299 -13.88 13.13 14.95
C GLN A 299 -14.67 11.93 15.48
N GLU A 300 -15.96 12.15 15.75
CA GLU A 300 -16.86 11.09 16.20
C GLU A 300 -17.14 10.08 15.08
N ILE A 301 -17.37 10.57 13.88
CA ILE A 301 -17.63 9.71 12.74
C ILE A 301 -16.43 8.81 12.46
N ARG A 302 -15.23 9.37 12.54
CA ARG A 302 -14.00 8.62 12.27
C ARG A 302 -13.78 7.45 13.25
N THR A 303 -14.14 7.63 14.52
CA THR A 303 -13.90 6.57 15.49
C THR A 303 -14.92 5.44 15.36
N SER A 304 -16.14 5.78 15.00
CA SER A 304 -17.21 4.80 14.95
C SER A 304 -17.39 4.06 13.61
N LEU A 305 -16.41 4.07 12.71
CA LEU A 305 -16.58 3.33 11.43
C LEU A 305 -16.59 1.82 11.62
N TYR A 306 -17.42 1.16 10.82
CA TYR A 306 -17.47 -0.30 10.77
C TYR A 306 -16.11 -0.97 10.69
N HIS A 307 -15.84 -1.92 11.58
CA HIS A 307 -14.62 -2.70 11.43
C HIS A 307 -14.85 -4.20 11.28
N PRO A 308 -14.43 -4.77 10.15
CA PRO A 308 -14.67 -6.19 9.90
C PRO A 308 -13.98 -7.07 10.94
N SER A 309 -14.54 -8.23 11.23
CA SER A 309 -13.82 -9.17 12.08
C SER A 309 -13.23 -10.38 11.32
N THR A 310 -12.08 -10.83 11.80
CA THR A 310 -11.45 -12.10 11.40
C THR A 310 -12.51 -13.22 11.19
N PRO A 311 -12.46 -13.89 10.04
CA PRO A 311 -13.45 -14.90 9.70
C PRO A 311 -13.15 -16.27 10.32
N PRO A 312 -14.11 -17.21 10.23
CA PRO A 312 -13.81 -18.54 10.77
C PRO A 312 -12.66 -19.25 10.03
N ALA A 313 -11.82 -19.97 10.77
CA ALA A 313 -10.79 -20.85 10.20
C ALA A 313 -11.45 -21.86 9.26
N SER A 314 -10.78 -22.25 8.17
CA SER A 314 -11.34 -23.30 7.34
C SER A 314 -11.06 -24.61 8.05
N SER A 315 -11.85 -25.65 7.79
CA SER A 315 -11.77 -26.88 8.60
C SER A 315 -10.38 -27.56 8.65
N ARG A 316 -9.50 -27.24 7.71
CA ARG A 316 -8.19 -27.85 7.72
C ARG A 316 -7.05 -26.85 7.51
N SER A 317 -6.95 -25.90 8.42
CA SER A 317 -5.92 -24.86 8.35
C SER A 317 -4.76 -25.23 9.25
N TRP A 318 -3.66 -24.52 9.10
CA TRP A 318 -2.56 -24.66 10.02
C TRP A 318 -2.15 -23.28 10.47
N SER A 319 -1.69 -23.21 11.71
CA SER A 319 -1.09 -21.98 12.21
C SER A 319 0.33 -22.29 12.67
N PRO A 320 1.26 -21.37 12.39
CA PRO A 320 2.68 -21.62 12.60
C PRO A 320 3.05 -21.65 14.08
N VAL A 321 3.93 -22.59 14.42
CA VAL A 321 4.42 -22.82 15.77
C VAL A 321 5.96 -22.66 15.71
N VAL A 322 6.55 -22.06 16.74
CA VAL A 322 8.01 -21.79 16.74
C VAL A 322 8.81 -23.09 16.62
N GLY A 323 9.81 -23.09 15.74
CA GLY A 323 10.66 -24.28 15.55
C GLY A 323 10.09 -25.38 14.66
N GLN A 324 8.91 -25.11 14.06
CA GLN A 324 8.25 -25.94 13.03
C GLN A 324 9.04 -25.89 11.75
N LEU A 325 9.10 -27.03 11.06
CA LEU A 325 9.67 -27.08 9.71
C LEU A 325 8.60 -26.68 8.71
N VAL A 326 8.93 -25.71 7.86
CA VAL A 326 7.99 -25.13 6.92
C VAL A 326 8.74 -24.88 5.62
N GLN A 327 8.03 -24.66 4.52
CA GLN A 327 8.71 -24.36 3.27
C GLN A 327 8.10 -23.17 2.55
N GLU A 328 8.99 -22.28 2.09
CA GLU A 328 8.59 -21.08 1.38
C GLU A 328 8.36 -21.44 -0.08
N ARG A 329 7.33 -20.85 -0.68
CA ARG A 329 7.03 -21.12 -2.07
C ARG A 329 8.08 -20.47 -2.96
N VAL A 330 8.55 -21.17 -3.97
CA VAL A 330 9.43 -20.54 -4.95
C VAL A 330 8.62 -19.45 -5.66
N ALA A 331 9.20 -18.27 -5.84
CA ALA A 331 8.46 -17.14 -6.41
C ALA A 331 8.17 -17.25 -7.93
N ARG A 332 9.20 -17.36 -8.74
CA ARG A 332 8.96 -17.37 -10.17
C ARG A 332 9.57 -18.65 -10.68
N PRO A 333 8.98 -19.80 -10.32
CA PRO A 333 9.62 -21.09 -10.60
C PRO A 333 9.68 -21.34 -12.08
N ALA A 334 10.85 -21.75 -12.54
CA ALA A 334 11.01 -22.14 -13.94
C ALA A 334 10.21 -23.40 -14.28
N SER A 335 9.99 -23.58 -15.57
CA SER A 335 9.22 -24.70 -16.07
C SER A 335 9.82 -26.05 -15.67
N LEU A 336 9.00 -26.93 -15.11
CA LEU A 336 9.44 -28.25 -14.66
C LEU A 336 10.38 -28.23 -13.45
N ARG A 337 10.39 -27.11 -12.73
CA ARG A 337 11.17 -27.00 -11.49
C ARG A 337 10.25 -26.89 -10.29
N PRO A 338 10.71 -27.32 -9.11
CA PRO A 338 9.89 -27.35 -7.90
C PRO A 338 9.28 -26.00 -7.50
N ARG A 339 8.09 -26.08 -6.92
CA ARG A 339 7.36 -24.91 -6.52
C ARG A 339 7.70 -24.50 -5.09
N TRP A 340 8.47 -25.33 -4.39
CA TRP A 340 8.82 -25.06 -3.01
C TRP A 340 10.30 -25.09 -2.76
N HIS A 341 10.76 -24.22 -1.86
CA HIS A 341 12.13 -24.24 -1.35
C HIS A 341 12.31 -25.39 -0.36
N LYS A 342 13.58 -25.73 -0.07
CA LYS A 342 13.91 -26.75 0.92
C LYS A 342 13.34 -26.37 2.27
N PRO A 343 13.20 -27.35 3.16
CA PRO A 343 12.58 -27.01 4.44
C PRO A 343 13.39 -26.00 5.26
N SER A 344 12.71 -25.29 6.16
CA SER A 344 13.35 -24.27 6.99
C SER A 344 12.62 -24.09 8.31
N THR A 345 13.21 -23.32 9.24
CA THR A 345 12.68 -23.32 10.60
C THR A 345 12.08 -21.97 10.97
N VAL A 346 10.98 -22.04 11.71
CA VAL A 346 10.25 -20.87 12.17
C VAL A 346 10.98 -20.34 13.38
N LEU A 347 11.65 -19.20 13.23
CA LEU A 347 12.34 -18.57 14.36
C LEU A 347 11.34 -17.86 15.26
N LYS A 348 10.51 -17.02 14.66
CA LYS A 348 9.60 -16.23 15.46
C LYS A 348 8.22 -16.11 14.81
N VAL A 349 7.18 -16.21 15.63
CA VAL A 349 5.79 -16.01 15.20
C VAL A 349 5.35 -14.56 15.49
N LEU A 350 5.58 -13.68 14.52
CA LEU A 350 5.23 -12.28 14.63
C LEU A 350 3.77 -12.08 14.94
N ASN A 351 2.91 -12.68 14.12
CA ASN A 351 1.48 -12.80 14.43
C ASN A 351 1.04 -14.13 13.82
N PRO A 352 -0.23 -14.55 14.02
CA PRO A 352 -0.56 -15.87 13.52
C PRO A 352 -0.48 -16.01 11.99
N ARG A 353 -0.28 -14.91 11.27
CA ARG A 353 -0.26 -14.96 9.81
C ARG A 353 1.10 -14.53 9.25
N THR A 354 2.06 -14.23 10.13
CA THR A 354 3.38 -13.74 9.70
C THR A 354 4.52 -14.30 10.54
N VAL A 355 5.59 -14.73 9.89
CA VAL A 355 6.69 -15.39 10.59
C VAL A 355 8.08 -15.00 10.12
N VAL A 356 9.05 -15.30 10.98
CA VAL A 356 10.46 -15.18 10.61
C VAL A 356 11.03 -16.57 10.50
N ILE A 357 11.66 -16.82 9.36
CA ILE A 357 12.24 -18.12 9.12
C ILE A 357 13.72 -17.98 8.86
N LEU A 358 14.45 -18.99 9.36
CA LEU A 358 15.85 -19.19 9.01
C LEU A 358 15.93 -20.15 7.83
N ASP A 359 16.33 -19.60 6.68
CA ASP A 359 16.13 -20.31 5.42
C ASP A 359 17.19 -21.35 5.02
N HIS A 360 17.93 -21.90 5.99
CA HIS A 360 19.04 -22.90 5.74
C HIS A 360 20.32 -22.35 5.03
N LEU A 361 20.25 -21.14 4.44
CA LEU A 361 21.44 -20.46 3.86
C LEU A 361 22.48 -20.07 4.95
N GLY A 362 22.05 -19.50 6.09
CA GLY A 362 20.65 -19.20 6.40
C GLY A 362 20.40 -17.73 6.72
N ASN A 363 19.41 -17.16 6.06
CA ASN A 363 19.03 -15.79 6.28
C ASN A 363 17.73 -15.75 7.05
N ASN A 364 17.56 -14.66 7.79
CA ASN A 364 16.28 -14.34 8.39
C ASN A 364 15.39 -13.74 7.31
N ARG A 365 14.25 -14.38 7.04
CA ARG A 365 13.25 -13.82 6.12
C ARG A 365 11.92 -13.67 6.84
N THR A 366 11.29 -12.50 6.71
CA THR A 366 9.94 -12.32 7.19
C THR A 366 8.98 -12.65 6.04
N VAL A 367 7.93 -13.41 6.34
CA VAL A 367 7.25 -14.15 5.32
C VAL A 367 5.80 -14.38 5.71
N SER A 368 4.89 -14.33 4.74
CA SER A 368 3.47 -14.57 5.01
C SER A 368 3.21 -16.05 5.11
N ILE A 369 2.27 -16.49 5.95
CA ILE A 369 1.99 -17.92 5.96
C ILE A 369 1.35 -18.41 4.67
N ASP A 370 0.81 -17.48 3.87
CA ASP A 370 0.24 -17.80 2.58
C ASP A 370 1.31 -18.26 1.64
N ASN A 371 2.54 -17.76 1.80
CA ASN A 371 3.65 -18.30 1.01
C ASN A 371 4.39 -19.43 1.71
N LEU A 372 3.69 -20.11 2.59
CA LEU A 372 4.28 -21.20 3.31
C LEU A 372 3.45 -22.48 3.33
N LYS A 373 4.14 -23.61 3.38
CA LYS A 373 3.48 -24.86 3.76
C LYS A 373 4.26 -25.51 4.90
N PRO A 374 3.54 -26.17 5.81
CA PRO A 374 4.17 -26.99 6.82
C PRO A 374 4.73 -28.26 6.21
N THR A 375 6.03 -28.46 6.33
CA THR A 375 6.67 -29.67 5.83
C THR A 375 5.94 -30.93 6.33
N SER A 376 5.67 -31.84 5.40
CA SER A 376 4.90 -33.05 5.68
C SER A 376 5.68 -34.15 6.38
N HIS A 377 4.96 -34.98 7.11
CA HIS A 377 5.53 -36.16 7.80
C HIS A 377 6.57 -35.77 8.89
N GLN A 378 6.29 -34.69 9.64
CA GLN A 378 7.21 -34.11 10.66
C GLN A 378 8.67 -33.96 10.18
N ASP B 119 -27.83 33.79 8.55
CA ASP B 119 -26.72 33.39 7.63
C ASP B 119 -25.94 32.14 8.13
N ARG B 120 -25.54 31.29 7.19
CA ARG B 120 -24.81 30.04 7.48
C ARG B 120 -23.32 30.31 7.70
N PRO B 121 -22.69 29.59 8.64
CA PRO B 121 -21.27 29.81 8.95
C PRO B 121 -20.31 29.56 7.77
N GLN B 122 -19.17 30.26 7.79
CA GLN B 122 -18.13 30.10 6.79
C GLN B 122 -17.53 28.68 6.85
N LYS B 123 -17.21 28.10 5.69
CA LYS B 123 -16.70 26.73 5.62
C LYS B 123 -15.57 26.66 4.61
N PRO B 124 -14.74 25.58 4.68
CA PRO B 124 -13.73 25.34 3.64
C PRO B 124 -14.39 25.10 2.30
N PHE B 125 -13.73 25.49 1.22
CA PHE B 125 -14.26 25.33 -0.15
C PHE B 125 -15.33 26.33 -0.51
N ASP B 126 -15.71 27.18 0.43
CA ASP B 126 -16.65 28.29 0.14
C ASP B 126 -16.02 29.28 -0.83
N LYS B 127 -14.73 29.56 -0.66
CA LYS B 127 -14.11 30.58 -1.46
C LYS B 127 -12.60 30.38 -1.57
N PHE B 128 -12.08 30.32 -2.79
CA PHE B 128 -10.64 30.25 -2.99
C PHE B 128 -10.17 31.62 -3.44
N PHE B 129 -9.03 32.06 -2.93
CA PHE B 129 -8.48 33.33 -3.32
C PHE B 129 -7.22 33.02 -4.10
N ILE B 130 -7.21 33.40 -5.37
CA ILE B 130 -6.05 33.13 -6.21
C ILE B 130 -5.35 34.39 -6.66
N ASP B 131 -4.05 34.28 -6.91
CA ASP B 131 -3.32 35.42 -7.42
C ASP B 131 -1.97 34.93 -7.91
N TYR B 132 -1.31 35.73 -8.74
CA TYR B 132 0.04 35.40 -9.17
C TYR B 132 1.09 36.18 -8.41
N ILE B 133 2.26 35.59 -8.26
CA ILE B 133 3.43 36.25 -7.73
C ILE B 133 4.52 36.06 -8.78
N GLY B 134 5.09 37.17 -9.21
CA GLY B 134 6.19 37.14 -10.18
C GLY B 134 6.25 38.35 -11.10
N PRO B 135 7.18 38.33 -12.08
CA PRO B 135 8.06 37.19 -12.37
C PRO B 135 9.10 36.95 -11.29
N LEU B 136 9.63 35.75 -11.23
CA LEU B 136 10.72 35.44 -10.33
C LEU B 136 11.95 35.03 -11.13
N PRO B 137 13.09 34.78 -10.45
CA PRO B 137 14.22 34.24 -11.21
C PRO B 137 13.88 32.84 -11.72
N PRO B 138 14.41 32.46 -12.90
CA PRO B 138 14.11 31.15 -13.45
C PRO B 138 14.47 30.06 -12.46
N SER B 139 13.49 29.25 -12.09
CA SER B 139 13.78 28.00 -11.39
C SER B 139 13.25 26.83 -12.20
N GLN B 140 14.14 25.95 -12.60
CA GLN B 140 13.78 24.81 -13.44
C GLN B 140 12.69 25.14 -14.48
N GLY B 141 12.83 26.30 -15.11
CA GLY B 141 11.98 26.72 -16.23
C GLY B 141 10.73 27.50 -15.87
N TYR B 142 10.51 27.70 -14.56
CA TYR B 142 9.33 28.37 -14.05
C TYR B 142 9.64 29.76 -13.56
N LEU B 143 8.66 30.67 -13.69
CA LEU B 143 8.85 32.08 -13.34
C LEU B 143 7.83 32.62 -12.34
N TYR B 144 6.66 32.01 -12.26
CA TYR B 144 5.59 32.58 -11.48
C TYR B 144 5.04 31.57 -10.46
N VAL B 145 4.19 32.04 -9.56
CA VAL B 145 3.57 31.17 -8.58
C VAL B 145 2.10 31.52 -8.52
N LEU B 146 1.23 30.60 -8.88
CA LEU B 146 -0.19 30.80 -8.64
C LEU B 146 -0.44 30.53 -7.16
N VAL B 147 -1.17 31.42 -6.50
CA VAL B 147 -1.39 31.28 -5.06
C VAL B 147 -2.86 31.05 -4.80
N VAL B 148 -3.17 29.96 -4.11
CA VAL B 148 -4.55 29.63 -3.83
C VAL B 148 -4.64 29.54 -2.33
N VAL B 149 -5.53 30.34 -1.76
CA VAL B 149 -5.72 30.33 -0.33
C VAL B 149 -7.19 30.12 -0.10
N ASP B 150 -7.48 29.10 0.69
CA ASP B 150 -8.85 28.83 1.05
C ASP B 150 -9.25 29.88 2.09
N GLY B 151 -10.39 30.52 1.85
CA GLY B 151 -10.85 31.68 2.63
C GLY B 151 -11.10 31.39 4.09
N MET B 152 -11.90 30.37 4.35
CA MET B 152 -12.25 29.99 5.72
C MET B 152 -11.05 29.46 6.51
N THR B 153 -10.25 28.59 5.92
CA THR B 153 -9.19 27.89 6.65
C THR B 153 -7.82 28.58 6.59
N GLY B 154 -7.60 29.41 5.56
CA GLY B 154 -6.29 29.99 5.35
C GLY B 154 -5.28 29.02 4.76
N PHE B 155 -5.76 27.82 4.39
CA PHE B 155 -4.91 26.81 3.73
C PHE B 155 -4.41 27.29 2.36
N THR B 156 -3.12 27.08 2.11
CA THR B 156 -2.51 27.59 0.90
C THR B 156 -2.03 26.47 -0.01
N TRP B 157 -2.36 26.60 -1.29
CA TRP B 157 -1.76 25.79 -2.32
C TRP B 157 -0.93 26.68 -3.23
N LEU B 158 0.24 26.19 -3.64
CA LEU B 158 1.08 26.90 -4.58
C LEU B 158 1.38 26.09 -5.86
N TYR B 159 1.34 26.76 -7.03
CA TYR B 159 1.68 26.13 -8.30
C TYR B 159 2.63 26.98 -9.10
N PRO B 160 3.78 26.41 -9.50
CA PRO B 160 4.73 27.07 -10.39
C PRO B 160 4.14 27.13 -11.79
N THR B 161 4.23 28.29 -12.44
CA THR B 161 3.82 28.39 -13.82
C THR B 161 4.94 29.05 -14.62
N LYS B 162 4.77 29.13 -15.94
CA LYS B 162 5.76 29.77 -16.80
C LYS B 162 5.29 31.17 -17.20
N ALA B 163 4.02 31.47 -16.91
CA ALA B 163 3.41 32.74 -17.27
C ALA B 163 2.14 32.96 -16.44
N PRO B 164 1.75 34.23 -16.27
CA PRO B 164 0.49 34.49 -15.60
C PRO B 164 -0.64 34.49 -16.61
N SER B 165 -0.78 33.37 -17.32
CA SER B 165 -1.75 33.27 -18.42
C SER B 165 -2.94 32.45 -18.00
N THR B 166 -4.07 32.66 -18.68
CA THR B 166 -5.25 31.84 -18.50
C THR B 166 -4.94 30.34 -18.63
N SER B 167 -4.16 29.99 -19.64
CA SER B 167 -3.83 28.59 -19.84
C SER B 167 -3.00 28.02 -18.69
N ALA B 168 -2.01 28.76 -18.19
CA ALA B 168 -1.25 28.26 -17.04
C ALA B 168 -2.15 28.17 -15.77
N THR B 169 -3.20 28.99 -15.73
CA THR B 169 -4.03 29.04 -14.58
C THR B 169 -4.92 27.80 -14.57
N VAL B 170 -5.59 27.55 -15.72
CA VAL B 170 -6.39 26.35 -15.95
C VAL B 170 -5.60 25.04 -15.78
N LYS B 171 -4.41 24.97 -16.36
CA LYS B 171 -3.56 23.82 -16.15
C LYS B 171 -3.35 23.56 -14.64
N SER B 172 -2.95 24.58 -13.87
CA SER B 172 -2.71 24.41 -12.44
C SER B 172 -3.97 24.16 -11.65
N LEU B 173 -5.05 24.88 -11.97
CA LEU B 173 -6.27 24.74 -11.19
C LEU B 173 -6.92 23.40 -11.43
N ASN B 174 -6.58 22.77 -12.56
CA ASN B 174 -7.09 21.45 -12.90
C ASN B 174 -6.54 20.46 -11.92
N VAL B 175 -5.26 20.60 -11.59
CA VAL B 175 -4.68 19.76 -10.56
C VAL B 175 -5.44 19.95 -9.26
N LEU B 176 -5.52 21.19 -8.78
CA LEU B 176 -6.20 21.46 -7.53
C LEU B 176 -7.67 21.02 -7.53
N THR B 177 -8.38 21.29 -8.62
CA THR B 177 -9.80 21.03 -8.66
C THR B 177 -10.04 19.54 -8.87
N SER B 178 -8.96 18.77 -8.92
CA SER B 178 -9.02 17.31 -8.88
C SER B 178 -9.11 16.79 -7.48
N ILE B 179 -8.79 17.66 -6.52
CA ILE B 179 -8.82 17.30 -5.13
C ILE B 179 -10.06 17.88 -4.48
N ALA B 180 -10.35 19.15 -4.76
CA ALA B 180 -11.50 19.84 -4.14
C ALA B 180 -11.93 21.04 -4.96
N ILE B 181 -13.23 21.28 -5.06
CA ILE B 181 -13.70 22.34 -5.92
C ILE B 181 -14.33 23.48 -5.09
N PRO B 182 -13.84 24.72 -5.26
CA PRO B 182 -14.43 25.86 -4.56
C PRO B 182 -15.78 26.21 -5.15
N LYS B 183 -16.68 26.78 -4.34
CA LYS B 183 -17.92 27.36 -4.88
C LYS B 183 -17.64 28.67 -5.64
N VAL B 184 -16.75 29.46 -5.07
CA VAL B 184 -16.42 30.77 -5.62
C VAL B 184 -14.92 30.85 -5.70
N ILE B 185 -14.42 31.41 -6.80
CA ILE B 185 -13.03 31.86 -6.87
C ILE B 185 -13.01 33.39 -6.83
N HIS B 186 -12.14 33.96 -5.99
CA HIS B 186 -11.96 35.40 -5.91
C HIS B 186 -10.56 35.75 -6.41
N SER B 187 -10.48 36.79 -7.22
CA SER B 187 -9.22 37.29 -7.75
C SER B 187 -9.32 38.78 -8.02
N ASP B 188 -8.16 39.43 -8.21
CA ASP B 188 -8.11 40.75 -8.81
C ASP B 188 -8.40 40.62 -10.27
N GLN B 189 -8.33 41.72 -11.00
CA GLN B 189 -8.74 41.73 -12.39
C GLN B 189 -7.57 41.50 -13.31
N GLY B 190 -6.62 40.67 -12.88
CA GLY B 190 -5.53 40.21 -13.74
C GLY B 190 -6.05 39.65 -15.06
N ALA B 191 -5.23 39.74 -16.10
CA ALA B 191 -5.70 39.36 -17.45
C ALA B 191 -6.05 37.88 -17.50
N ALA B 192 -5.20 37.06 -16.87
CA ALA B 192 -5.44 35.62 -16.79
C ALA B 192 -6.79 35.28 -16.21
N PHE B 193 -7.35 36.12 -15.36
CA PHE B 193 -8.58 35.74 -14.64
C PHE B 193 -9.82 36.34 -15.24
N THR B 194 -9.64 37.33 -16.11
CA THR B 194 -10.80 38.03 -16.67
C THR B 194 -11.08 37.60 -18.10
N SER B 195 -10.20 36.77 -18.66
CA SER B 195 -10.37 36.18 -19.99
C SER B 195 -11.64 35.37 -20.03
N SER B 196 -12.26 35.25 -21.19
CA SER B 196 -13.48 34.44 -21.26
C SER B 196 -13.22 32.91 -21.37
N THR B 197 -12.02 32.54 -21.81
CA THR B 197 -11.57 31.17 -21.59
C THR B 197 -11.70 30.80 -20.11
N PHE B 198 -11.08 31.59 -19.21
CA PHE B 198 -11.16 31.29 -17.77
C PHE B 198 -12.58 31.34 -17.26
N ALA B 199 -13.38 32.23 -17.82
CA ALA B 199 -14.78 32.31 -17.45
C ALA B 199 -15.49 31.00 -17.86
N GLU B 200 -15.26 30.57 -19.11
CA GLU B 200 -15.85 29.33 -19.61
C GLU B 200 -15.46 28.17 -18.70
N TRP B 201 -14.17 28.09 -18.35
CA TRP B 201 -13.65 27.05 -17.47
C TRP B 201 -14.40 26.97 -16.15
N ALA B 202 -14.62 28.12 -15.53
CA ALA B 202 -15.29 28.14 -14.24
C ALA B 202 -16.73 27.66 -14.39
N LYS B 203 -17.41 28.17 -15.42
CA LYS B 203 -18.82 27.85 -15.67
C LYS B 203 -18.99 26.35 -15.81
N GLU B 204 -18.06 25.71 -16.54
CA GLU B 204 -18.08 24.26 -16.73
C GLU B 204 -18.09 23.52 -15.39
N ARG B 205 -17.52 24.11 -14.35
CA ARG B 205 -17.40 23.40 -13.09
C ARG B 205 -18.34 23.93 -12.00
N GLY B 206 -19.26 24.81 -12.39
CA GLY B 206 -20.22 25.38 -11.46
C GLY B 206 -19.55 26.26 -10.42
N ILE B 207 -18.35 26.76 -10.74
CA ILE B 207 -17.63 27.74 -9.94
C ILE B 207 -18.06 29.16 -10.32
N HIS B 208 -18.63 29.91 -9.38
CA HIS B 208 -18.92 31.30 -9.64
C HIS B 208 -17.64 32.13 -9.49
N LEU B 209 -17.40 33.03 -10.44
CA LEU B 209 -16.23 33.95 -10.38
C LEU B 209 -16.51 35.31 -9.70
N GLU B 210 -15.53 35.78 -8.93
CA GLU B 210 -15.69 36.99 -8.14
C GLU B 210 -14.44 37.85 -8.16
N PHE B 211 -14.65 39.11 -8.54
CA PHE B 211 -13.57 40.06 -8.77
C PHE B 211 -13.62 41.24 -7.81
N SER B 212 -12.48 41.54 -7.21
CA SER B 212 -12.28 42.78 -6.50
C SER B 212 -12.21 43.89 -7.55
N THR B 213 -12.79 45.06 -7.24
CA THR B 213 -12.75 46.19 -8.18
C THR B 213 -11.32 46.68 -8.41
N PRO B 214 -11.01 47.15 -9.62
CA PRO B 214 -9.60 47.49 -9.91
C PRO B 214 -8.99 48.52 -8.97
N TYR B 215 -7.71 48.32 -8.65
CA TYR B 215 -6.92 49.23 -7.82
C TYR B 215 -7.23 49.27 -6.29
N HIS B 216 -8.31 48.63 -5.83
CA HIS B 216 -8.65 48.66 -4.39
C HIS B 216 -7.90 47.57 -3.60
N GLY B 221 -8.18 41.48 5.87
CA GLY B 221 -8.42 40.30 6.72
C GLY B 221 -7.39 39.18 6.69
N LYS B 222 -7.86 37.97 7.00
CA LYS B 222 -7.05 36.73 7.13
C LYS B 222 -6.23 36.34 5.89
N VAL B 223 -6.89 36.38 4.73
CA VAL B 223 -6.27 36.15 3.43
C VAL B 223 -5.09 37.11 3.12
N GLU B 224 -5.36 38.41 3.28
CA GLU B 224 -4.41 39.51 3.04
C GLU B 224 -3.09 39.27 3.79
N ARG B 225 -3.23 38.96 5.08
CA ARG B 225 -2.10 38.56 5.91
C ARG B 225 -1.36 37.34 5.37
N LYS B 226 -2.11 36.33 4.94
CA LYS B 226 -1.51 35.11 4.37
C LYS B 226 -0.67 35.41 3.14
N ASN B 227 -1.20 36.21 2.22
CA ASN B 227 -0.44 36.63 1.04
C ASN B 227 0.83 37.41 1.34
N SER B 228 0.80 38.17 2.44
CA SER B 228 1.97 38.87 2.95
C SER B 228 3.01 37.85 3.39
N ASP B 229 2.60 36.96 4.30
CA ASP B 229 3.43 35.85 4.75
C ASP B 229 4.12 35.11 3.59
N ILE B 230 3.38 34.85 2.52
CA ILE B 230 3.88 34.12 1.35
C ILE B 230 4.97 34.92 0.61
N LYS B 231 4.62 36.12 0.15
CA LYS B 231 5.61 37.05 -0.42
C LYS B 231 6.90 37.13 0.44
N ARG B 232 6.72 37.42 1.73
CA ARG B 232 7.85 37.56 2.63
C ARG B 232 8.66 36.29 2.79
N LEU B 233 7.98 35.17 3.08
CA LEU B 233 8.66 33.87 3.27
C LEU B 233 9.41 33.41 2.03
N LEU B 234 8.87 33.72 0.86
CA LEU B 234 9.58 33.43 -0.38
C LEU B 234 10.88 34.20 -0.44
N THR B 235 10.78 35.54 -0.38
CA THR B 235 11.92 36.48 -0.38
C THR B 235 13.05 36.05 0.54
N LYS B 236 12.68 35.63 1.75
CA LYS B 236 13.63 35.11 2.72
C LYS B 236 14.46 33.99 2.10
N LEU B 237 13.80 32.91 1.67
CA LEU B 237 14.52 31.71 1.22
C LEU B 237 15.08 31.82 -0.20
N LEU B 238 14.41 32.63 -1.02
CA LEU B 238 14.86 33.01 -2.36
C LEU B 238 16.26 33.67 -2.37
N VAL B 239 16.66 34.29 -1.25
CA VAL B 239 17.98 34.90 -1.15
C VAL B 239 19.04 33.84 -0.82
N GLY B 240 20.22 33.97 -1.41
CA GLY B 240 21.25 32.94 -1.29
C GLY B 240 21.06 31.82 -2.30
N ARG B 241 19.81 31.55 -2.67
CA ARG B 241 19.50 30.51 -3.68
C ARG B 241 18.35 30.90 -4.62
N PRO B 242 18.49 32.06 -5.31
CA PRO B 242 17.35 32.69 -6.00
C PRO B 242 16.70 31.79 -7.06
N THR B 243 17.33 30.65 -7.28
CA THR B 243 17.11 29.85 -8.46
C THR B 243 16.61 28.44 -8.09
N LYS B 244 16.68 28.12 -6.80
CA LYS B 244 16.30 26.81 -6.30
C LYS B 244 14.91 26.82 -5.66
N TRP B 245 14.07 27.80 -6.00
CA TRP B 245 12.77 27.91 -5.31
C TRP B 245 11.74 26.85 -5.67
N TYR B 246 11.78 26.39 -6.92
CA TYR B 246 10.92 25.32 -7.37
C TYR B 246 10.90 24.18 -6.35
N ASP B 247 12.09 23.71 -5.99
CA ASP B 247 12.22 22.60 -5.05
C ASP B 247 11.68 22.94 -3.67
N LEU B 248 11.64 24.23 -3.34
CA LEU B 248 11.26 24.63 -1.99
C LEU B 248 9.76 24.81 -1.78
N LEU B 249 9.02 24.88 -2.88
CA LEU B 249 7.58 25.05 -2.79
C LEU B 249 6.90 24.09 -1.81
N PRO B 250 7.16 22.78 -1.92
CA PRO B 250 6.50 21.91 -0.93
C PRO B 250 6.71 22.37 0.51
N VAL B 251 7.95 22.66 0.91
CA VAL B 251 8.21 22.96 2.32
C VAL B 251 7.64 24.33 2.70
N VAL B 252 7.65 25.25 1.77
CA VAL B 252 7.02 26.55 1.97
C VAL B 252 5.56 26.39 2.34
N GLN B 253 4.83 25.57 1.60
CA GLN B 253 3.43 25.31 1.89
C GLN B 253 3.22 24.68 3.26
N LEU B 254 4.04 23.68 3.58
CA LEU B 254 3.92 22.97 4.83
C LEU B 254 4.10 23.90 6.01
N ALA B 255 5.05 24.84 5.84
CA ALA B 255 5.33 25.88 6.82
C ALA B 255 4.10 26.76 6.97
N LEU B 256 3.67 27.37 5.87
CA LEU B 256 2.49 28.21 5.85
C LEU B 256 1.26 27.56 6.47
N ASN B 257 1.13 26.26 6.32
CA ASN B 257 -0.12 25.60 6.63
C ASN B 257 -0.13 25.00 8.02
N ASN B 258 1.07 24.87 8.58
CA ASN B 258 1.19 24.47 9.97
C ASN B 258 1.67 25.64 10.85
N THR B 259 1.39 26.86 10.35
CA THR B 259 1.66 28.08 11.08
C THR B 259 0.44 28.48 11.87
N TYR B 260 0.64 28.64 13.17
CA TYR B 260 -0.43 29.01 14.10
C TYR B 260 -1.06 30.38 13.75
N SER B 261 -2.39 30.42 13.70
CA SER B 261 -3.18 31.68 13.55
C SER B 261 -3.54 32.32 14.92
N PRO B 262 -2.99 33.54 15.19
CA PRO B 262 -3.34 34.26 16.43
C PRO B 262 -4.86 34.47 16.67
N VAL B 263 -5.63 34.76 15.61
CA VAL B 263 -7.12 34.93 15.69
C VAL B 263 -7.84 33.64 16.10
N LEU B 264 -7.68 32.59 15.30
CA LEU B 264 -8.23 31.29 15.66
C LEU B 264 -7.20 30.52 16.52
N LYS B 265 -7.67 29.61 17.36
CA LYS B 265 -6.75 28.80 18.14
C LYS B 265 -6.00 27.75 17.29
N TYR B 266 -6.19 27.77 15.96
CA TYR B 266 -5.74 26.66 15.11
C TYR B 266 -4.94 27.03 13.87
N THR B 267 -4.11 26.11 13.38
CA THR B 267 -3.47 26.24 12.06
C THR B 267 -4.43 25.84 10.93
N PRO B 268 -4.13 26.27 9.69
CA PRO B 268 -4.96 25.87 8.55
C PRO B 268 -5.05 24.34 8.35
N HIS B 269 -3.95 23.64 8.63
CA HIS B 269 -3.97 22.19 8.58
C HIS B 269 -5.04 21.66 9.52
N GLN B 270 -5.01 22.09 10.77
CA GLN B 270 -5.98 21.61 11.73
C GLN B 270 -7.40 21.89 11.27
N LEU B 271 -7.62 23.08 10.71
CA LEU B 271 -8.95 23.46 10.32
C LEU B 271 -9.44 22.69 9.09
N LEU B 272 -8.50 22.30 8.23
CA LEU B 272 -8.86 21.62 7.01
C LEU B 272 -9.23 20.18 7.27
N PHE B 273 -8.43 19.52 8.11
CA PHE B 273 -8.48 18.10 8.30
C PHE B 273 -8.98 17.64 9.65
N GLY B 274 -9.14 18.56 10.59
CA GLY B 274 -9.64 18.24 11.94
C GLY B 274 -8.67 17.45 12.81
N ILE B 275 -7.38 17.58 12.53
CA ILE B 275 -6.38 16.81 13.28
C ILE B 275 -5.08 17.59 13.42
N ASP B 276 -4.20 17.15 14.32
CA ASP B 276 -2.86 17.73 14.42
C ASP B 276 -2.07 17.23 13.23
N SER B 277 -0.91 17.82 12.95
CA SER B 277 -0.14 17.40 11.79
C SER B 277 1.15 16.69 12.24
N ASN B 278 1.77 15.91 11.37
CA ASN B 278 3.04 15.25 11.73
C ASN B 278 4.25 16.13 11.47
N THR B 279 3.99 17.34 10.97
CA THR B 279 5.03 18.37 10.84
C THR B 279 4.52 19.66 11.48
N PRO B 280 4.64 19.77 12.82
CA PRO B 280 4.30 21.03 13.48
C PRO B 280 5.50 21.96 13.35
N PHE B 281 5.27 23.22 13.01
CA PHE B 281 6.37 24.16 12.97
C PHE B 281 6.33 24.94 14.26
N ALA B 282 6.89 24.33 15.31
CA ALA B 282 6.89 24.88 16.66
C ALA B 282 7.65 26.21 16.68
N ASN B 283 8.79 26.23 15.98
CA ASN B 283 9.55 27.46 15.74
C ASN B 283 8.83 28.43 14.77
N GLN B 284 8.22 29.47 15.34
CA GLN B 284 7.88 30.67 14.56
C GLN B 284 9.22 31.39 14.30
N ASP B 285 9.45 31.81 13.06
CA ASP B 285 10.75 32.35 12.69
C ASP B 285 10.81 33.87 12.52
N THR B 286 12.03 34.39 12.37
CA THR B 286 12.25 35.82 12.14
C THR B 286 11.33 36.28 11.02
N LEU B 287 11.37 35.55 9.89
CA LEU B 287 10.65 35.93 8.68
C LEU B 287 11.23 37.24 8.11
N ASP B 288 11.92 37.97 8.98
CA ASP B 288 12.64 39.20 8.65
C ASP B 288 14.02 38.90 8.05
N LEU B 289 14.49 39.85 7.25
CA LEU B 289 15.75 39.72 6.54
C LEU B 289 16.94 40.11 7.44
N THR B 290 17.82 39.15 7.73
CA THR B 290 19.01 39.39 8.58
C THR B 290 20.02 40.33 7.89
N ARG B 291 21.13 40.60 8.59
CA ARG B 291 22.12 41.57 8.11
C ARG B 291 22.85 41.09 6.85
N GLU B 292 23.28 39.81 6.87
CA GLU B 292 23.99 39.19 5.75
C GLU B 292 23.15 39.12 4.46
N GLU B 293 21.83 39.02 4.63
CA GLU B 293 20.87 38.86 3.53
C GLU B 293 20.45 40.18 2.89
N GLU B 294 20.20 41.18 3.72
CA GLU B 294 19.89 42.54 3.27
C GLU B 294 21.00 43.04 2.32
N LEU B 295 22.24 42.71 2.68
CA LEU B 295 23.42 43.12 1.91
C LEU B 295 23.59 42.32 0.61
N SER B 296 23.27 41.03 0.63
CA SER B 296 23.36 40.17 -0.57
C SER B 296 22.06 40.11 -1.39
N LEU B 297 21.00 40.74 -0.87
CA LEU B 297 19.81 41.04 -1.68
C LEU B 297 20.02 42.37 -2.41
N LEU B 298 20.68 43.31 -1.73
CA LEU B 298 21.15 44.57 -2.34
C LEU B 298 22.30 44.33 -3.34
N GLN B 299 22.92 43.15 -3.28
CA GLN B 299 24.00 42.74 -4.22
C GLN B 299 23.50 41.93 -5.43
N GLU B 300 22.58 40.99 -5.18
CA GLU B 300 21.95 40.21 -6.26
C GLU B 300 21.18 41.13 -7.23
N ILE B 301 20.33 41.99 -6.68
CA ILE B 301 19.59 43.00 -7.46
C ILE B 301 20.46 44.24 -7.75
N ARG B 302 21.53 44.05 -8.52
CA ARG B 302 22.47 45.12 -8.88
C ARG B 302 22.53 45.35 -10.39
ZN ZN E . 9.58 -38.95 -3.63
MN MN F . -0.30 -4.13 -7.19
S SO4 G . 16.32 -24.32 -2.18
O1 SO4 G . 16.22 -23.25 -3.17
O2 SO4 G . 17.72 -24.67 -1.93
O3 SO4 G . 15.68 -23.93 -0.93
O4 SO4 G . 15.69 -25.54 -2.69
C1 GOL H . 15.48 4.47 -12.50
O1 GOL H . 15.54 5.82 -12.92
C2 GOL H . 14.87 4.43 -11.10
O2 GOL H . 15.13 5.67 -10.45
C3 GOL H . 15.41 3.24 -10.28
O3 GOL H . 14.36 2.53 -9.64
C1 GOL I . -2.64 10.56 -26.32
O1 GOL I . -3.69 10.24 -25.44
C2 GOL I . -1.92 9.27 -26.67
O2 GOL I . -0.76 9.57 -27.42
C3 GOL I . -2.87 8.37 -27.44
O3 GOL I . -4.10 8.28 -26.74
C1 GOL J . 12.15 -55.49 -5.36
O1 GOL J . 12.09 -55.56 -3.96
C2 GOL J . 10.80 -55.94 -5.93
O2 GOL J . 10.63 -57.26 -5.48
C3 GOL J . 10.77 -55.90 -7.46
O3 GOL J . 9.47 -56.29 -7.90
N NH4 K . -3.71 -3.75 14.38
MN MN L . -2.68 40.03 -9.11
S SO4 M . -4.78 35.45 11.17
O1 SO4 M . -5.36 34.11 11.18
O2 SO4 M . -4.44 35.82 12.54
O3 SO4 M . -3.56 35.46 10.36
O4 SO4 M . -5.76 36.37 10.61
C1 GOL N . -7.11 19.84 15.73
O1 GOL N . -6.52 19.04 16.74
C2 GOL N . -8.48 20.28 16.24
O2 GOL N . -9.20 19.14 16.60
C3 GOL N . -9.29 21.08 15.22
O3 GOL N . -10.41 21.63 15.88
#